data_2ABQ
#
_entry.id   2ABQ
#
_cell.length_a   42.620
_cell.length_b   48.710
_cell.length_c   79.050
_cell.angle_alpha   82.38
_cell.angle_beta   87.28
_cell.angle_gamma   82.14
#
_symmetry.space_group_name_H-M   'P 1'
#
loop_
_entity.id
_entity.type
_entity.pdbx_description
1 polymer 'fructose 1-phosphate kinase'
2 non-polymer 'PHOSPHATE ION'
3 water water
#
_entity_poly.entity_id   1
_entity_poly.type   'polypeptide(L)'
_entity_poly.pdbx_seq_one_letter_code
;(MSE)IYTVTLNPSIDYIVQVENFQQGVVNRSERDRKQPGGKGINVSRVLKRLGHETKALGFLGGFTGAYVRNALEKEEI
GLSFIEVEGDTRINVKIKGKQETELNGTAPLIKKEHVQALLEQLTELEKGDVLVLAGSVPQA(MSE)PQTIYRS(MSE)T
QIAKERGAFVAVDTSGEALHEVLAAKPSFIKPNHHELSELVSKPIASIEDAIPHVQRLIGEGIESILVSFAGDGALFASA
EG(MSE)FHVNVPSGEVRNSVGAGDSVVAGFLAALQEGKSLEDAVPFAVAAGSATAFSDGFCTREEVERLQQQLQRTIKK
EG
;
_entity_poly.pdbx_strand_id   A,B
#
# COMPACT_ATOMS: atom_id res chain seq x y z
N ILE A 2 15.22 -14.35 -23.83
CA ILE A 2 15.66 -13.53 -22.70
C ILE A 2 14.84 -13.89 -21.45
N TYR A 3 15.53 -14.28 -20.38
CA TYR A 3 14.88 -14.63 -19.12
C TYR A 3 15.24 -13.54 -18.09
N THR A 4 14.27 -13.13 -17.30
CA THR A 4 14.54 -12.14 -16.27
C THR A 4 14.27 -12.80 -14.94
N VAL A 5 15.04 -12.47 -13.92
CA VAL A 5 14.83 -13.05 -12.60
C VAL A 5 14.54 -11.95 -11.62
N THR A 6 13.43 -12.10 -10.90
CA THR A 6 13.05 -11.11 -9.91
C THR A 6 12.80 -11.90 -8.62
N LEU A 7 13.80 -11.87 -7.74
CA LEU A 7 13.75 -12.59 -6.48
C LEU A 7 12.78 -12.03 -5.47
N ASN A 8 12.44 -10.75 -5.58
CA ASN A 8 11.54 -10.10 -4.63
C ASN A 8 10.66 -9.08 -5.36
N PRO A 9 9.76 -9.57 -6.24
CA PRO A 9 8.88 -8.70 -7.00
C PRO A 9 8.02 -7.87 -6.07
N SER A 10 7.09 -7.11 -6.65
CA SER A 10 6.22 -6.31 -5.81
C SER A 10 5.17 -5.56 -6.58
N ILE A 11 4.31 -4.91 -5.81
CA ILE A 11 3.30 -4.05 -6.38
C ILE A 11 3.84 -2.69 -5.98
N ASP A 12 4.20 -1.86 -6.94
CA ASP A 12 4.67 -0.52 -6.60
C ASP A 12 3.42 0.37 -6.49
N TYR A 13 3.16 0.88 -5.29
CA TYR A 13 2.01 1.75 -5.04
C TYR A 13 2.51 3.17 -5.12
N ILE A 14 2.40 3.77 -6.31
CA ILE A 14 2.86 5.13 -6.58
C ILE A 14 1.81 6.14 -6.16
N VAL A 15 2.21 7.08 -5.29
CA VAL A 15 1.30 8.09 -4.79
C VAL A 15 1.92 9.48 -4.66
N GLN A 16 1.31 10.45 -5.32
CA GLN A 16 1.79 11.82 -5.28
C GLN A 16 0.91 12.57 -4.31
N VAL A 17 1.53 13.20 -3.32
CA VAL A 17 0.78 13.98 -2.36
C VAL A 17 1.63 15.18 -1.95
N GLU A 18 1.35 16.32 -2.56
CA GLU A 18 2.08 17.55 -2.27
C GLU A 18 1.49 18.09 -0.98
N ASN A 19 1.92 17.49 0.12
CA ASN A 19 1.48 17.84 1.46
C ASN A 19 1.90 16.72 2.40
N PHE A 20 2.43 15.63 1.85
CA PHE A 20 2.86 14.53 2.68
C PHE A 20 3.71 15.00 3.84
N GLN A 21 3.18 14.83 5.04
CA GLN A 21 3.87 15.22 6.25
C GLN A 21 3.74 14.08 7.26
N GLN A 22 4.75 13.94 8.11
CA GLN A 22 4.77 12.91 9.13
C GLN A 22 3.52 12.96 9.99
N GLY A 23 3.58 12.31 11.14
CA GLY A 23 2.45 12.25 12.08
C GLY A 23 1.20 13.00 11.71
N VAL A 24 0.55 12.61 10.62
CA VAL A 24 -0.68 13.26 10.17
C VAL A 24 -1.43 12.43 9.12
N VAL A 25 -2.73 12.64 9.02
CA VAL A 25 -3.58 11.91 8.06
C VAL A 25 -3.51 12.47 6.63
N ASN A 26 -2.57 11.94 5.86
CA ASN A 26 -2.38 12.37 4.49
C ASN A 26 -3.39 11.77 3.54
N ARG A 27 -3.91 12.58 2.63
CA ARG A 27 -4.86 12.11 1.65
C ARG A 27 -4.06 12.07 0.36
N SER A 28 -4.55 11.32 -0.63
CA SER A 28 -3.87 11.22 -1.89
C SER A 28 -4.65 11.90 -2.98
N GLU A 29 -3.93 12.48 -3.94
CA GLU A 29 -4.56 13.17 -5.06
C GLU A 29 -4.42 12.39 -6.35
N ARG A 30 -3.31 11.65 -6.46
CA ARG A 30 -3.03 10.86 -7.64
C ARG A 30 -2.48 9.49 -7.19
N ASP A 31 -3.25 8.43 -7.41
CA ASP A 31 -2.88 7.06 -7.03
C ASP A 31 -2.73 6.10 -8.20
N ARG A 32 -1.65 5.31 -8.16
CA ARG A 32 -1.37 4.33 -9.20
C ARG A 32 -0.59 3.12 -8.64
N LYS A 33 -0.83 1.94 -9.19
CA LYS A 33 -0.11 0.75 -8.78
C LYS A 33 0.22 -0.05 -10.02
N GLN A 34 1.43 -0.59 -10.06
CA GLN A 34 1.89 -1.35 -11.20
C GLN A 34 2.81 -2.45 -10.71
N PRO A 35 2.91 -3.55 -11.48
CA PRO A 35 3.82 -4.58 -10.98
C PRO A 35 5.23 -4.01 -10.97
N GLY A 36 6.00 -4.41 -9.96
CA GLY A 36 7.37 -3.92 -9.84
C GLY A 36 8.43 -4.97 -9.62
N GLY A 37 9.67 -4.50 -9.54
CA GLY A 37 10.80 -5.40 -9.38
C GLY A 37 11.66 -5.19 -10.62
N LYS A 38 12.97 -5.16 -10.45
CA LYS A 38 13.85 -4.90 -11.57
C LYS A 38 13.71 -5.86 -12.75
N GLY A 39 13.65 -7.16 -12.46
CA GLY A 39 13.53 -8.13 -13.54
C GLY A 39 12.24 -7.96 -14.32
N ILE A 40 11.16 -7.76 -13.57
CA ILE A 40 9.84 -7.55 -14.17
C ILE A 40 9.87 -6.29 -15.04
N ASN A 41 10.43 -5.21 -14.50
CA ASN A 41 10.47 -3.97 -15.27
C ASN A 41 11.29 -4.07 -16.56
N VAL A 42 12.38 -4.82 -16.54
CA VAL A 42 13.15 -5.02 -17.76
C VAL A 42 12.22 -5.77 -18.77
N SER A 43 11.43 -6.71 -18.26
CA SER A 43 10.51 -7.49 -19.14
C SER A 43 9.53 -6.56 -19.83
N ARG A 44 8.82 -5.79 -19.02
CA ARG A 44 7.82 -4.85 -19.48
C ARG A 44 8.38 -3.91 -20.51
N VAL A 45 9.52 -3.30 -20.21
CA VAL A 45 10.13 -2.39 -21.15
C VAL A 45 10.54 -3.13 -22.40
N LEU A 46 11.11 -4.33 -22.27
CA LEU A 46 11.51 -5.11 -23.45
C LEU A 46 10.29 -5.28 -24.39
N LYS A 47 9.16 -5.59 -23.78
CA LYS A 47 7.92 -5.77 -24.50
C LYS A 47 7.58 -4.49 -25.27
N ARG A 48 7.71 -3.34 -24.60
CA ARG A 48 7.43 -2.06 -25.25
C ARG A 48 8.40 -1.79 -26.39
N LEU A 49 9.56 -2.40 -26.32
CA LEU A 49 10.54 -2.23 -27.39
C LEU A 49 10.37 -3.32 -28.44
N GLY A 50 9.32 -4.13 -28.30
CA GLY A 50 9.08 -5.21 -29.27
C GLY A 50 9.81 -6.52 -29.04
N HIS A 51 10.14 -6.82 -27.80
CA HIS A 51 10.84 -8.06 -27.52
C HIS A 51 10.17 -8.86 -26.42
N GLU A 52 10.16 -10.17 -26.60
CA GLU A 52 9.57 -11.04 -25.63
C GLU A 52 10.61 -11.43 -24.58
N THR A 53 10.13 -11.85 -23.44
CA THR A 53 11.00 -12.29 -22.37
C THR A 53 10.19 -13.26 -21.57
N LYS A 54 10.85 -14.05 -20.74
CA LYS A 54 10.14 -14.98 -19.88
C LYS A 54 10.61 -14.63 -18.49
N ALA A 55 9.67 -14.11 -17.71
CA ALA A 55 9.95 -13.66 -16.37
C ALA A 55 9.86 -14.77 -15.34
N LEU A 56 10.92 -14.82 -14.52
CA LEU A 56 11.09 -15.79 -13.45
C LEU A 56 11.24 -15.07 -12.10
N GLY A 57 10.93 -15.81 -11.03
CA GLY A 57 11.02 -15.28 -9.69
C GLY A 57 9.95 -15.91 -8.81
N PHE A 58 9.68 -15.29 -7.66
CA PHE A 58 8.70 -15.79 -6.68
C PHE A 58 7.54 -14.83 -6.45
N LEU A 59 6.33 -15.38 -6.42
CA LEU A 59 5.12 -14.59 -6.21
C LEU A 59 4.19 -15.28 -5.18
N GLY A 60 3.58 -14.48 -4.31
CA GLY A 60 2.68 -15.03 -3.30
C GLY A 60 1.42 -14.22 -3.00
N GLY A 61 0.37 -14.92 -2.57
CA GLY A 61 -0.87 -14.25 -2.22
C GLY A 61 -1.60 -13.44 -3.28
N PHE A 62 -2.57 -12.66 -2.83
CA PHE A 62 -3.40 -11.84 -3.72
C PHE A 62 -2.56 -10.80 -4.45
N THR A 63 -1.52 -10.30 -3.81
CA THR A 63 -0.69 -9.31 -4.45
C THR A 63 0.11 -9.97 -5.58
N GLY A 64 0.55 -11.22 -5.36
CA GLY A 64 1.29 -11.90 -6.41
C GLY A 64 0.36 -12.22 -7.57
N ALA A 65 -0.89 -12.55 -7.24
CA ALA A 65 -1.90 -12.85 -8.26
C ALA A 65 -2.09 -11.61 -9.14
N TYR A 66 -2.07 -10.44 -8.52
CA TYR A 66 -2.20 -9.18 -9.24
C TYR A 66 -1.03 -9.03 -10.23
N VAL A 67 0.18 -9.30 -9.76
CA VAL A 67 1.38 -9.20 -10.59
C VAL A 67 1.32 -10.16 -11.78
N ARG A 68 0.93 -11.39 -11.50
CA ARG A 68 0.83 -12.43 -12.52
C ARG A 68 -0.24 -12.05 -13.53
N ASN A 69 -1.42 -11.63 -13.05
CA ASN A 69 -2.50 -11.25 -13.95
C ASN A 69 -2.06 -10.15 -14.89
N ALA A 70 -1.42 -9.13 -14.35
CA ALA A 70 -0.93 -8.00 -15.13
C ALA A 70 -0.03 -8.44 -16.28
N LEU A 71 1.10 -9.08 -15.97
CA LEU A 71 2.04 -9.54 -17.00
C LEU A 71 1.31 -10.35 -18.05
N GLU A 72 0.33 -11.13 -17.60
CA GLU A 72 -0.49 -11.97 -18.48
C GLU A 72 -1.17 -11.05 -19.48
N LYS A 73 -1.86 -10.04 -18.95
CA LYS A 73 -2.56 -9.07 -19.78
C LYS A 73 -1.62 -8.38 -20.75
N GLU A 74 -0.34 -8.27 -20.40
CA GLU A 74 0.62 -7.62 -21.28
C GLU A 74 1.27 -8.62 -22.22
N GLU A 75 0.77 -9.85 -22.16
CA GLU A 75 1.28 -10.92 -23.00
C GLU A 75 2.80 -11.05 -22.90
N ILE A 76 3.29 -11.17 -21.66
CA ILE A 76 4.70 -11.32 -21.37
C ILE A 76 4.95 -12.74 -20.84
N GLY A 77 5.92 -13.43 -21.42
CA GLY A 77 6.23 -14.77 -20.95
C GLY A 77 6.52 -14.76 -19.45
N LEU A 78 6.04 -15.75 -18.73
CA LEU A 78 6.25 -15.79 -17.30
C LEU A 78 6.18 -17.19 -16.72
N SER A 79 6.94 -17.44 -15.65
CA SER A 79 6.92 -18.73 -15.00
C SER A 79 7.37 -18.60 -13.56
N PHE A 80 6.57 -17.89 -12.76
CA PHE A 80 6.91 -17.68 -11.36
C PHE A 80 6.59 -18.84 -10.43
N ILE A 81 7.42 -18.98 -9.41
CA ILE A 81 7.22 -20.03 -8.43
C ILE A 81 6.37 -19.42 -7.32
N GLU A 82 5.24 -20.08 -7.05
CA GLU A 82 4.34 -19.64 -6.00
C GLU A 82 4.98 -19.83 -4.64
N VAL A 83 4.85 -18.83 -3.78
CA VAL A 83 5.41 -18.98 -2.46
C VAL A 83 4.33 -18.74 -1.43
N GLU A 84 4.63 -19.00 -0.17
CA GLU A 84 3.62 -18.87 0.86
C GLU A 84 3.21 -17.47 1.32
N GLY A 85 4.17 -16.60 1.60
CA GLY A 85 3.81 -15.25 2.03
C GLY A 85 3.29 -14.40 0.87
N ASP A 86 2.86 -13.17 1.16
CA ASP A 86 2.35 -12.32 0.10
C ASP A 86 3.47 -11.54 -0.58
N THR A 87 3.32 -11.26 -1.88
CA THR A 87 4.33 -10.45 -2.55
C THR A 87 4.27 -9.08 -1.89
N ARG A 88 5.42 -8.46 -1.66
CA ARG A 88 5.47 -7.17 -1.00
C ARG A 88 4.83 -6.02 -1.79
N ILE A 89 4.34 -5.05 -1.02
CA ILE A 89 3.73 -3.85 -1.55
C ILE A 89 4.73 -2.74 -1.23
N ASN A 90 5.30 -2.13 -2.26
CA ASN A 90 6.28 -1.04 -2.07
C ASN A 90 5.52 0.28 -2.26
N VAL A 91 5.83 1.26 -1.43
CA VAL A 91 5.13 2.53 -1.51
C VAL A 91 5.99 3.65 -2.05
N LYS A 92 5.59 4.22 -3.19
CA LYS A 92 6.34 5.31 -3.78
C LYS A 92 5.56 6.63 -3.69
N ILE A 93 6.02 7.52 -2.81
CA ILE A 93 5.36 8.80 -2.63
C ILE A 93 6.09 9.90 -3.39
N LYS A 94 5.43 10.43 -4.43
CA LYS A 94 6.02 11.51 -5.22
C LYS A 94 5.59 12.84 -4.61
N GLY A 95 5.49 13.87 -5.43
CA GLY A 95 5.11 15.17 -4.93
C GLY A 95 6.35 15.97 -4.55
N LYS A 96 6.19 16.91 -3.62
CA LYS A 96 7.30 17.73 -3.16
C LYS A 96 8.56 16.86 -3.04
N GLN A 97 8.65 16.11 -1.95
CA GLN A 97 9.78 15.21 -1.73
C GLN A 97 9.51 13.87 -2.40
N GLU A 98 10.48 12.96 -2.31
CA GLU A 98 10.36 11.64 -2.88
C GLU A 98 10.77 10.64 -1.80
N THR A 99 9.78 10.09 -1.10
CA THR A 99 10.04 9.14 -0.03
C THR A 99 9.53 7.72 -0.35
N GLU A 100 10.36 6.72 -0.06
CA GLU A 100 10.00 5.32 -0.32
C GLU A 100 10.03 4.48 0.95
N LEU A 101 9.17 3.48 0.99
CA LEU A 101 9.05 2.57 2.13
C LEU A 101 8.72 1.19 1.59
N ASN A 102 9.72 0.30 1.58
CA ASN A 102 9.53 -1.04 1.04
C ASN A 102 8.94 -2.03 2.02
N GLY A 103 8.05 -2.87 1.51
CA GLY A 103 7.42 -3.88 2.34
C GLY A 103 8.38 -5.02 2.63
N THR A 104 8.02 -5.85 3.60
CA THR A 104 8.82 -6.99 4.00
C THR A 104 8.80 -8.08 2.94
N ALA A 105 9.90 -8.81 2.83
CA ALA A 105 9.98 -9.89 1.86
C ALA A 105 9.18 -11.06 2.42
N PRO A 106 8.51 -11.82 1.54
CA PRO A 106 7.73 -12.97 2.01
C PRO A 106 8.65 -14.16 2.22
N LEU A 107 8.31 -15.04 3.16
CA LEU A 107 9.14 -16.20 3.44
C LEU A 107 9.24 -17.12 2.22
N ILE A 108 10.45 -17.60 1.95
CA ILE A 108 10.65 -18.47 0.82
C ILE A 108 11.36 -19.75 1.23
N LYS A 109 10.59 -20.83 1.32
CA LYS A 109 11.11 -22.15 1.70
C LYS A 109 12.25 -22.54 0.77
N LYS A 110 13.19 -23.31 1.28
CA LYS A 110 14.35 -23.75 0.49
C LYS A 110 13.97 -24.51 -0.78
N GLU A 111 12.88 -25.25 -0.77
CA GLU A 111 12.46 -25.98 -1.96
C GLU A 111 12.26 -25.05 -3.17
N HIS A 112 11.73 -23.86 -2.93
CA HIS A 112 11.46 -22.90 -4.00
C HIS A 112 12.73 -22.40 -4.66
N VAL A 113 13.73 -22.11 -3.84
CA VAL A 113 15.00 -21.66 -4.35
C VAL A 113 15.59 -22.76 -5.22
N GLN A 114 15.45 -24.01 -4.76
CA GLN A 114 15.96 -25.15 -5.52
C GLN A 114 15.21 -25.26 -6.85
N ALA A 115 13.91 -24.99 -6.82
CA ALA A 115 13.09 -25.05 -8.03
C ALA A 115 13.49 -23.93 -9.02
N LEU A 116 13.80 -22.75 -8.50
CA LEU A 116 14.20 -21.64 -9.36
C LEU A 116 15.52 -22.01 -10.05
N LEU A 117 16.45 -22.58 -9.29
CA LEU A 117 17.73 -22.99 -9.87
C LEU A 117 17.43 -24.08 -10.90
N GLU A 118 16.49 -24.97 -10.57
CA GLU A 118 16.09 -26.05 -11.50
C GLU A 118 15.73 -25.46 -12.87
N GLN A 119 14.84 -24.46 -12.90
CA GLN A 119 14.42 -23.81 -14.15
C GLN A 119 15.59 -23.32 -15.01
N LEU A 120 16.63 -22.79 -14.38
CA LEU A 120 17.75 -22.24 -15.11
C LEU A 120 18.49 -23.25 -15.95
N THR A 121 18.48 -24.51 -15.54
CA THR A 121 19.16 -25.53 -16.33
C THR A 121 18.55 -25.63 -17.74
N GLU A 122 17.51 -24.83 -17.97
CA GLU A 122 16.80 -24.79 -19.25
C GLU A 122 17.40 -23.79 -20.24
N LEU A 123 18.25 -22.90 -19.76
CA LEU A 123 18.90 -21.94 -20.64
C LEU A 123 19.67 -22.72 -21.72
N GLU A 124 19.62 -22.22 -22.95
CA GLU A 124 20.33 -22.84 -24.07
C GLU A 124 21.35 -21.85 -24.58
N LYS A 125 22.20 -22.30 -25.48
CA LYS A 125 23.22 -21.40 -26.01
C LYS A 125 22.58 -20.21 -26.68
N GLY A 126 23.10 -19.03 -26.39
CA GLY A 126 22.53 -17.86 -27.02
C GLY A 126 21.39 -17.21 -26.24
N ASP A 127 20.90 -17.86 -25.19
CA ASP A 127 19.84 -17.22 -24.39
C ASP A 127 20.50 -16.14 -23.53
N VAL A 128 19.68 -15.27 -22.96
CA VAL A 128 20.17 -14.20 -22.12
C VAL A 128 19.51 -14.36 -20.76
N LEU A 129 20.30 -14.18 -19.71
CA LEU A 129 19.79 -14.29 -18.35
C LEU A 129 20.00 -12.94 -17.69
N VAL A 130 18.91 -12.32 -17.24
CA VAL A 130 19.03 -11.03 -16.58
C VAL A 130 18.78 -11.18 -15.09
N LEU A 131 19.80 -10.87 -14.30
CA LEU A 131 19.68 -10.95 -12.85
C LEU A 131 19.78 -9.53 -12.35
N ALA A 132 18.65 -8.97 -11.95
CA ALA A 132 18.63 -7.61 -11.50
C ALA A 132 17.79 -7.47 -10.22
N GLY A 133 18.22 -6.56 -9.35
CA GLY A 133 17.49 -6.34 -8.12
C GLY A 133 18.22 -6.87 -6.91
N SER A 134 17.63 -6.64 -5.74
CA SER A 134 18.22 -7.10 -4.51
C SER A 134 17.92 -8.56 -4.21
N VAL A 135 18.79 -9.13 -3.38
CA VAL A 135 18.69 -10.52 -2.96
C VAL A 135 18.21 -10.52 -1.52
N PRO A 136 17.01 -11.06 -1.27
CA PRO A 136 16.48 -11.10 0.09
C PRO A 136 17.54 -11.65 1.04
N GLN A 137 17.64 -11.06 2.22
CA GLN A 137 18.63 -11.47 3.22
C GLN A 137 18.49 -12.92 3.65
N ALA A 138 17.29 -13.46 3.55
CA ALA A 138 17.05 -14.85 3.92
C ALA A 138 17.73 -15.81 2.93
N PRO A 140 21.05 -16.93 0.24
CA PRO A 140 22.50 -16.81 0.13
C PRO A 140 22.88 -15.70 -0.87
N GLN A 141 23.62 -14.71 -0.40
CA GLN A 141 24.03 -13.59 -1.23
C GLN A 141 24.85 -14.03 -2.43
N THR A 142 25.32 -15.27 -2.41
CA THR A 142 26.09 -15.78 -3.54
C THR A 142 25.19 -16.37 -4.62
N ILE A 143 23.88 -16.22 -4.42
CA ILE A 143 22.88 -16.74 -5.36
C ILE A 143 23.10 -16.34 -6.83
N TYR A 144 23.44 -15.09 -7.09
CA TYR A 144 23.67 -14.68 -8.48
C TYR A 144 24.89 -15.32 -9.08
N ARG A 145 25.90 -15.56 -8.25
CA ARG A 145 27.10 -16.19 -8.74
C ARG A 145 26.71 -17.59 -9.19
N SER A 146 25.86 -18.26 -8.42
CA SER A 146 25.40 -19.61 -8.75
C SER A 146 24.62 -19.62 -10.05
N THR A 148 24.64 -17.50 -12.42
CA THR A 148 25.50 -17.10 -13.51
C THR A 148 26.31 -18.29 -13.99
N GLN A 149 26.74 -19.13 -13.05
CA GLN A 149 27.53 -20.30 -13.43
C GLN A 149 26.67 -21.25 -14.27
N ILE A 150 25.48 -21.57 -13.77
CA ILE A 150 24.55 -22.45 -14.50
C ILE A 150 24.37 -21.90 -15.91
N ALA A 151 24.16 -20.58 -16.00
CA ALA A 151 23.95 -19.95 -17.28
C ALA A 151 25.16 -20.08 -18.17
N LYS A 152 26.33 -19.78 -17.62
CA LYS A 152 27.54 -19.85 -18.42
C LYS A 152 27.89 -21.27 -18.87
N GLU A 153 27.52 -22.26 -18.09
CA GLU A 153 27.82 -23.62 -18.49
C GLU A 153 26.91 -24.08 -19.61
N ARG A 154 25.97 -23.22 -20.00
CA ARG A 154 25.05 -23.56 -21.08
C ARG A 154 25.21 -22.61 -22.26
N GLY A 155 26.16 -21.69 -22.17
CA GLY A 155 26.38 -20.76 -23.25
C GLY A 155 25.47 -19.56 -23.24
N ALA A 156 24.78 -19.37 -22.13
CA ALA A 156 23.86 -18.26 -21.96
C ALA A 156 24.60 -16.97 -21.57
N PHE A 157 24.14 -15.85 -22.13
CA PHE A 157 24.70 -14.52 -21.89
C PHE A 157 24.08 -13.93 -20.62
N VAL A 158 24.93 -13.55 -19.68
CA VAL A 158 24.46 -13.02 -18.42
C VAL A 158 24.67 -11.52 -18.21
N ALA A 159 23.57 -10.84 -17.92
CA ALA A 159 23.57 -9.41 -17.70
C ALA A 159 23.17 -9.25 -16.26
N VAL A 160 23.94 -8.46 -15.51
CA VAL A 160 23.67 -8.26 -14.10
C VAL A 160 23.56 -6.81 -13.67
N ASP A 161 22.58 -6.54 -12.81
CA ASP A 161 22.34 -5.20 -12.26
C ASP A 161 21.95 -5.31 -10.77
N THR A 162 22.96 -5.44 -9.91
CA THR A 162 22.75 -5.56 -8.47
C THR A 162 23.72 -4.61 -7.75
N SER A 163 23.99 -4.92 -6.49
CA SER A 163 24.90 -4.15 -5.66
C SER A 163 25.23 -4.96 -4.40
N GLY A 164 25.92 -4.32 -3.45
CA GLY A 164 26.26 -4.98 -2.22
C GLY A 164 27.02 -6.26 -2.39
N GLU A 165 26.92 -7.13 -1.39
CA GLU A 165 27.62 -8.40 -1.39
C GLU A 165 27.29 -9.22 -2.63
N ALA A 166 26.02 -9.23 -3.03
CA ALA A 166 25.61 -10.01 -4.19
C ALA A 166 26.42 -9.67 -5.45
N LEU A 167 26.66 -8.38 -5.69
CA LEU A 167 27.43 -7.96 -6.86
C LEU A 167 28.89 -8.32 -6.71
N HIS A 168 29.40 -8.23 -5.49
CA HIS A 168 30.79 -8.57 -5.23
C HIS A 168 30.93 -10.03 -5.55
N GLU A 169 30.01 -10.81 -5.05
CA GLU A 169 30.04 -12.25 -5.28
C GLU A 169 29.96 -12.69 -6.74
N VAL A 170 29.15 -12.01 -7.57
CA VAL A 170 29.01 -12.41 -8.99
C VAL A 170 30.25 -12.34 -9.87
N LEU A 171 31.18 -11.45 -9.52
CA LEU A 171 32.39 -11.22 -10.31
C LEU A 171 33.20 -12.48 -10.65
N ALA A 172 33.41 -13.35 -9.67
CA ALA A 172 34.15 -14.57 -9.92
C ALA A 172 33.47 -15.40 -11.00
N ALA A 173 32.15 -15.22 -11.14
CA ALA A 173 31.41 -16.00 -12.15
C ALA A 173 31.64 -15.41 -13.53
N LYS A 174 32.19 -14.21 -13.55
CA LYS A 174 32.48 -13.53 -14.81
C LYS A 174 31.25 -13.34 -15.71
N PRO A 175 30.25 -12.61 -15.25
CA PRO A 175 29.10 -12.43 -16.15
C PRO A 175 29.54 -11.62 -17.35
N SER A 176 28.73 -11.65 -18.40
CA SER A 176 29.01 -10.97 -19.65
C SER A 176 28.87 -9.45 -19.61
N PHE A 177 27.89 -8.95 -18.85
CA PHE A 177 27.62 -7.52 -18.81
C PHE A 177 27.14 -7.03 -17.45
N ILE A 178 27.71 -5.95 -16.96
CA ILE A 178 27.27 -5.39 -15.67
C ILE A 178 26.98 -3.92 -15.87
N LYS A 179 26.05 -3.38 -15.10
CA LYS A 179 25.72 -1.97 -15.26
C LYS A 179 25.58 -1.28 -13.93
N PRO A 180 26.70 -1.04 -13.25
CA PRO A 180 26.64 -0.37 -11.95
C PRO A 180 26.63 1.14 -12.15
N ASN A 181 25.86 1.87 -11.35
CA ASN A 181 25.89 3.30 -11.48
C ASN A 181 27.21 3.67 -10.78
N HIS A 182 27.71 4.88 -10.95
CA HIS A 182 29.00 5.21 -10.32
C HIS A 182 29.08 4.96 -8.80
N HIS A 183 27.97 5.11 -8.08
CA HIS A 183 27.97 4.88 -6.63
C HIS A 183 28.11 3.41 -6.29
N GLU A 184 27.42 2.58 -7.05
CA GLU A 184 27.49 1.14 -6.85
C GLU A 184 28.88 0.67 -7.20
N LEU A 185 29.46 1.27 -8.22
CA LEU A 185 30.79 0.88 -8.62
C LEU A 185 31.83 1.29 -7.56
N SER A 186 31.62 2.45 -6.94
CA SER A 186 32.57 2.94 -5.92
C SER A 186 32.51 2.00 -4.73
N GLU A 187 31.29 1.55 -4.44
CA GLU A 187 31.04 0.66 -3.33
C GLU A 187 31.71 -0.70 -3.56
N LEU A 188 31.74 -1.11 -4.82
CA LEU A 188 32.30 -2.39 -5.23
C LEU A 188 33.82 -2.42 -5.10
N VAL A 189 34.44 -1.31 -5.46
CA VAL A 189 35.90 -1.22 -5.41
C VAL A 189 36.41 -0.56 -4.13
N SER A 190 35.47 -0.10 -3.30
CA SER A 190 35.79 0.56 -2.04
C SER A 190 36.59 1.85 -2.24
N LYS A 191 36.37 2.51 -3.38
CA LYS A 191 37.04 3.79 -3.65
C LYS A 191 36.05 4.74 -4.29
N PRO A 192 36.21 6.06 -4.03
CA PRO A 192 35.26 6.99 -4.62
C PRO A 192 35.51 7.24 -6.11
N ILE A 193 34.42 7.33 -6.85
CA ILE A 193 34.45 7.58 -8.29
C ILE A 193 33.39 8.66 -8.53
N ALA A 194 33.81 9.79 -9.07
CA ALA A 194 32.85 10.87 -9.32
C ALA A 194 32.87 11.30 -10.78
N SER A 195 33.97 10.99 -11.46
CA SER A 195 34.12 11.36 -12.87
C SER A 195 34.40 10.13 -13.71
N ILE A 196 34.46 10.33 -15.02
CA ILE A 196 34.74 9.24 -15.96
C ILE A 196 36.16 8.77 -15.73
N GLU A 197 37.05 9.71 -15.42
CA GLU A 197 38.46 9.40 -15.16
C GLU A 197 38.61 8.53 -13.91
N ASP A 198 37.83 8.83 -12.88
CA ASP A 198 37.90 8.05 -11.65
C ASP A 198 37.61 6.58 -11.88
N ALA A 199 36.70 6.29 -12.81
CA ALA A 199 36.31 4.92 -13.09
C ALA A 199 37.14 4.08 -14.05
N ILE A 200 37.80 4.73 -15.01
CA ILE A 200 38.53 3.99 -16.02
C ILE A 200 39.55 2.94 -15.55
N PRO A 201 40.40 3.27 -14.58
CA PRO A 201 41.35 2.25 -14.15
C PRO A 201 40.67 1.00 -13.59
N HIS A 202 39.60 1.19 -12.83
CA HIS A 202 38.88 0.07 -12.24
C HIS A 202 38.19 -0.78 -13.31
N VAL A 203 37.49 -0.11 -14.22
CA VAL A 203 36.79 -0.78 -15.30
C VAL A 203 37.78 -1.67 -16.06
N GLN A 204 38.95 -1.14 -16.32
CA GLN A 204 39.98 -1.88 -17.03
C GLN A 204 40.42 -3.13 -16.27
N ARG A 205 40.41 -3.06 -14.95
CA ARG A 205 40.80 -4.24 -14.17
C ARG A 205 39.68 -5.28 -14.22
N LEU A 206 38.44 -4.82 -14.27
CA LEU A 206 37.30 -5.73 -14.34
C LEU A 206 37.24 -6.47 -15.67
N ILE A 207 37.45 -5.77 -16.78
CA ILE A 207 37.44 -6.39 -18.09
C ILE A 207 38.53 -7.46 -18.15
N GLY A 208 39.71 -7.14 -17.62
CA GLY A 208 40.80 -8.10 -17.64
C GLY A 208 40.53 -9.27 -16.72
N GLU A 209 39.65 -9.07 -15.73
CA GLU A 209 39.33 -10.13 -14.79
C GLU A 209 38.24 -11.07 -15.33
N GLY A 210 37.89 -10.92 -16.61
CA GLY A 210 36.90 -11.80 -17.18
C GLY A 210 35.54 -11.21 -17.49
N ILE A 211 35.26 -10.00 -17.02
CA ILE A 211 33.98 -9.37 -17.32
C ILE A 211 34.09 -8.88 -18.77
N GLU A 212 33.14 -9.29 -19.59
CA GLU A 212 33.11 -8.96 -21.01
C GLU A 212 32.73 -7.53 -21.38
N SER A 213 31.87 -6.92 -20.59
CA SER A 213 31.45 -5.55 -20.85
C SER A 213 30.88 -4.87 -19.60
N ILE A 214 30.99 -3.56 -19.55
CA ILE A 214 30.53 -2.81 -18.40
C ILE A 214 30.02 -1.45 -18.83
N LEU A 215 28.93 -1.03 -18.21
CA LEU A 215 28.33 0.27 -18.49
C LEU A 215 28.05 0.94 -17.14
N VAL A 216 28.80 2.02 -16.86
CA VAL A 216 28.66 2.77 -15.63
C VAL A 216 28.03 4.13 -15.87
N SER A 217 26.89 4.37 -15.21
CA SER A 217 26.22 5.64 -15.37
C SER A 217 26.71 6.65 -14.37
N PHE A 218 26.78 7.90 -14.82
CA PHE A 218 27.21 8.99 -13.96
C PHE A 218 26.09 10.01 -13.97
N ALA A 219 24.87 9.49 -13.92
CA ALA A 219 23.68 10.32 -13.90
C ALA A 219 23.75 11.38 -15.01
N GLY A 220 23.26 12.58 -14.72
CA GLY A 220 23.24 13.65 -15.71
C GLY A 220 24.59 14.01 -16.30
N ASP A 221 25.60 13.17 -16.08
CA ASP A 221 26.94 13.40 -16.56
C ASP A 221 27.37 12.40 -17.66
N GLY A 222 26.40 11.71 -18.23
CA GLY A 222 26.70 10.75 -19.29
C GLY A 222 26.92 9.34 -18.79
N ALA A 223 27.51 8.50 -19.64
CA ALA A 223 27.77 7.11 -19.29
C ALA A 223 29.06 6.62 -19.93
N LEU A 224 29.72 5.70 -19.24
CA LEU A 224 30.97 5.14 -19.75
C LEU A 224 30.78 3.67 -20.03
N PHE A 225 31.25 3.24 -21.20
CA PHE A 225 31.16 1.85 -21.59
C PHE A 225 32.51 1.32 -21.97
N ALA A 226 32.87 0.17 -21.40
CA ALA A 226 34.13 -0.45 -21.73
C ALA A 226 33.94 -1.91 -22.11
N SER A 227 34.73 -2.35 -23.07
CA SER A 227 34.73 -3.72 -23.55
C SER A 227 36.21 -3.99 -23.80
N ALA A 228 36.62 -5.25 -23.83
CA ALA A 228 38.02 -5.55 -24.08
C ALA A 228 38.33 -5.03 -25.48
N GLU A 229 37.29 -4.62 -26.20
CA GLU A 229 37.43 -4.10 -27.54
C GLU A 229 37.65 -2.59 -27.54
N GLY A 230 37.27 -1.93 -26.45
CA GLY A 230 37.44 -0.50 -26.38
C GLY A 230 36.75 0.16 -25.22
N PHE A 232 34.62 4.05 -24.37
CA PHE A 232 34.14 5.33 -24.87
C PHE A 232 33.08 5.93 -23.97
N HIS A 233 32.81 7.21 -24.19
CA HIS A 233 31.84 7.97 -23.42
C HIS A 233 30.61 8.29 -24.27
N VAL A 234 29.54 8.70 -23.61
CA VAL A 234 28.29 9.05 -24.27
C VAL A 234 27.48 9.93 -23.32
N ASN A 235 26.80 10.95 -23.86
CA ASN A 235 26.00 11.88 -23.04
C ASN A 235 24.53 11.52 -22.97
N VAL A 236 23.84 12.17 -22.06
CA VAL A 236 22.41 11.97 -21.88
C VAL A 236 21.73 13.14 -22.61
N PRO A 237 20.63 12.85 -23.32
CA PRO A 237 19.89 13.87 -24.07
C PRO A 237 19.49 15.11 -23.30
N SER A 238 19.55 15.04 -21.97
CA SER A 238 19.17 16.19 -21.16
C SER A 238 17.68 16.50 -21.34
N GLY A 239 17.04 16.87 -20.24
CA GLY A 239 15.61 17.19 -20.29
C GLY A 239 15.01 17.03 -18.91
N GLU A 240 13.76 17.45 -18.76
CA GLU A 240 13.09 17.34 -17.47
C GLU A 240 12.70 15.90 -17.18
N VAL A 241 13.23 15.35 -16.10
CA VAL A 241 12.92 13.98 -15.72
C VAL A 241 11.60 13.95 -14.94
N ARG A 242 10.54 13.49 -15.60
CA ARG A 242 9.21 13.41 -14.99
C ARG A 242 9.00 12.17 -14.13
N ASN A 243 9.93 11.22 -14.21
CA ASN A 243 9.81 9.99 -13.42
C ASN A 243 11.18 9.31 -13.22
N SER A 244 11.26 8.46 -12.21
CA SER A 244 12.49 7.73 -11.90
C SER A 244 12.20 6.46 -11.11
N VAL A 245 11.39 5.57 -11.68
CA VAL A 245 11.03 4.32 -11.02
C VAL A 245 11.35 3.07 -11.86
N GLY A 246 12.30 3.23 -12.78
CA GLY A 246 12.70 2.11 -13.62
C GLY A 246 13.54 2.57 -14.81
N ALA A 247 14.38 3.57 -14.60
CA ALA A 247 15.20 4.10 -15.67
C ALA A 247 16.46 3.25 -15.91
N GLY A 248 17.01 2.68 -14.84
CA GLY A 248 18.19 1.83 -14.98
C GLY A 248 17.78 0.52 -15.62
N ASP A 249 16.57 0.09 -15.32
CA ASP A 249 16.03 -1.14 -15.88
C ASP A 249 15.82 -0.92 -17.39
N SER A 250 15.48 0.30 -17.77
CA SER A 250 15.26 0.61 -19.18
C SER A 250 16.55 0.54 -19.97
N VAL A 251 17.64 0.96 -19.33
CA VAL A 251 18.91 0.93 -20.01
C VAL A 251 19.21 -0.52 -20.35
N VAL A 252 19.03 -1.41 -19.38
CA VAL A 252 19.28 -2.83 -19.57
C VAL A 252 18.43 -3.42 -20.69
N ALA A 253 17.16 -3.05 -20.73
CA ALA A 253 16.28 -3.56 -21.78
C ALA A 253 16.75 -3.05 -23.14
N GLY A 254 17.10 -1.76 -23.19
CA GLY A 254 17.55 -1.18 -24.44
C GLY A 254 18.76 -1.90 -24.97
N PHE A 255 19.73 -2.14 -24.09
CA PHE A 255 20.94 -2.82 -24.48
C PHE A 255 20.64 -4.21 -25.03
N LEU A 256 19.82 -4.95 -24.31
CA LEU A 256 19.48 -6.29 -24.71
C LEU A 256 18.59 -6.34 -25.95
N ALA A 257 17.67 -5.39 -26.09
CA ALA A 257 16.80 -5.38 -27.26
C ALA A 257 17.65 -5.14 -28.50
N ALA A 258 18.60 -4.22 -28.38
CA ALA A 258 19.49 -3.91 -29.48
C ALA A 258 20.36 -5.12 -29.83
N LEU A 259 20.84 -5.84 -28.82
CA LEU A 259 21.68 -7.00 -29.07
C LEU A 259 20.86 -8.05 -29.79
N GLN A 260 19.60 -8.21 -29.41
CA GLN A 260 18.75 -9.17 -30.08
C GLN A 260 18.70 -8.79 -31.56
N GLU A 261 18.55 -7.50 -31.81
CA GLU A 261 18.48 -7.00 -33.17
C GLU A 261 19.77 -7.14 -33.95
N GLY A 262 20.73 -7.87 -33.38
CA GLY A 262 21.99 -8.08 -34.06
C GLY A 262 23.05 -7.01 -33.96
N LYS A 263 22.73 -5.85 -33.39
CA LYS A 263 23.73 -4.80 -33.29
C LYS A 263 24.90 -5.27 -32.41
N SER A 264 26.02 -4.55 -32.46
CA SER A 264 27.18 -4.94 -31.66
C SER A 264 27.14 -4.33 -30.27
N LEU A 265 27.88 -4.94 -29.34
CA LEU A 265 27.95 -4.45 -27.96
C LEU A 265 28.16 -2.95 -27.88
N GLU A 266 29.08 -2.44 -28.69
CA GLU A 266 29.39 -1.01 -28.72
C GLU A 266 28.22 -0.24 -29.33
N ASP A 267 27.74 -0.74 -30.47
CA ASP A 267 26.64 -0.13 -31.19
C ASP A 267 25.35 -0.08 -30.36
N ALA A 268 25.25 -0.97 -29.38
CA ALA A 268 24.06 -1.04 -28.54
C ALA A 268 23.98 0.03 -27.46
N VAL A 269 25.14 0.49 -26.99
CA VAL A 269 25.19 1.48 -25.94
C VAL A 269 24.29 2.70 -26.13
N PRO A 270 24.33 3.33 -27.32
CA PRO A 270 23.52 4.52 -27.65
C PRO A 270 22.03 4.32 -27.38
N PHE A 271 21.54 3.18 -27.86
CA PHE A 271 20.14 2.79 -27.73
C PHE A 271 19.73 2.57 -26.27
N ALA A 272 20.62 1.95 -25.50
CA ALA A 272 20.33 1.68 -24.10
C ALA A 272 20.25 2.99 -23.30
N VAL A 273 21.26 3.86 -23.46
CA VAL A 273 21.23 5.13 -22.74
C VAL A 273 19.97 5.90 -23.10
N ALA A 274 19.63 5.95 -24.39
CA ALA A 274 18.42 6.65 -24.83
C ALA A 274 17.17 6.09 -24.19
N ALA A 275 17.09 4.77 -24.11
CA ALA A 275 15.92 4.11 -23.51
C ALA A 275 15.77 4.55 -22.06
N GLY A 276 16.91 4.65 -21.37
CA GLY A 276 16.89 5.08 -20.00
C GLY A 276 16.35 6.50 -19.91
N SER A 277 16.88 7.38 -20.76
CA SER A 277 16.45 8.78 -20.77
C SER A 277 14.98 8.93 -21.15
N ALA A 278 14.57 8.23 -22.20
CA ALA A 278 13.18 8.31 -22.64
C ALA A 278 12.25 8.05 -21.47
N THR A 279 12.49 6.97 -20.74
CA THR A 279 11.65 6.64 -19.59
C THR A 279 11.79 7.74 -18.52
N ALA A 280 13.01 8.27 -18.39
CA ALA A 280 13.26 9.31 -17.41
C ALA A 280 12.48 10.59 -17.72
N PHE A 281 12.10 10.77 -18.97
CA PHE A 281 11.38 11.97 -19.38
C PHE A 281 9.85 11.84 -19.52
N SER A 282 9.33 10.62 -19.58
CA SER A 282 7.89 10.43 -19.72
C SER A 282 7.26 9.99 -18.40
N ASP A 283 5.97 10.23 -18.23
CA ASP A 283 5.29 9.83 -16.99
C ASP A 283 5.44 8.32 -16.78
N GLY A 284 5.31 7.57 -17.88
CA GLY A 284 5.44 6.12 -17.82
C GLY A 284 6.78 5.70 -18.39
N PHE A 285 6.79 4.59 -19.12
CA PHE A 285 8.06 4.13 -19.70
C PHE A 285 8.22 4.48 -21.17
N CYS A 286 9.47 4.43 -21.62
CA CYS A 286 9.81 4.76 -23.00
C CYS A 286 9.03 3.95 -24.04
N THR A 287 8.96 4.51 -25.26
CA THR A 287 8.28 3.88 -26.38
C THR A 287 9.34 3.67 -27.45
N ARG A 288 9.15 2.67 -28.29
CA ARG A 288 10.10 2.37 -29.36
C ARG A 288 10.45 3.61 -30.18
N GLU A 289 9.45 4.47 -30.41
CA GLU A 289 9.62 5.68 -31.19
C GLU A 289 10.53 6.69 -30.48
N GLU A 290 10.25 6.96 -29.21
CA GLU A 290 11.03 7.90 -28.43
C GLU A 290 12.51 7.53 -28.44
N VAL A 291 12.81 6.28 -28.07
CA VAL A 291 14.18 5.80 -28.02
C VAL A 291 14.95 6.00 -29.32
N GLU A 292 14.38 5.53 -30.43
CA GLU A 292 15.04 5.67 -31.73
C GLU A 292 15.46 7.13 -31.95
N ARG A 293 14.54 8.03 -31.64
CA ARG A 293 14.75 9.46 -31.79
C ARG A 293 15.97 9.91 -30.99
N LEU A 294 15.86 9.85 -29.67
CA LEU A 294 16.94 10.26 -28.79
C LEU A 294 18.25 9.56 -29.13
N GLN A 295 18.16 8.29 -29.50
CA GLN A 295 19.36 7.54 -29.84
C GLN A 295 20.14 8.18 -30.99
N GLN A 296 19.41 8.66 -31.99
CA GLN A 296 20.06 9.29 -33.13
C GLN A 296 20.88 10.47 -32.63
N GLN A 297 20.29 11.25 -31.74
CA GLN A 297 20.98 12.41 -31.17
C GLN A 297 22.27 12.04 -30.44
N LEU A 298 22.19 11.06 -29.55
CA LEU A 298 23.34 10.63 -28.77
C LEU A 298 24.45 9.95 -29.59
N GLN A 299 24.08 9.29 -30.69
CA GLN A 299 25.06 8.58 -31.51
C GLN A 299 26.06 9.47 -32.26
N ARG A 300 26.60 10.45 -31.56
CA ARG A 300 27.59 11.37 -32.11
C ARG A 300 28.47 11.84 -30.97
N THR A 301 27.83 12.13 -29.84
CA THR A 301 28.51 12.58 -28.65
C THR A 301 29.53 11.51 -28.19
N ILE A 302 29.58 10.42 -28.94
CA ILE A 302 30.48 9.31 -28.66
C ILE A 302 31.94 9.72 -28.66
N LYS A 303 32.51 9.84 -27.46
CA LYS A 303 33.90 10.22 -27.31
C LYS A 303 34.72 9.02 -26.86
N LYS A 304 35.81 8.73 -27.59
CA LYS A 304 36.67 7.60 -27.23
C LYS A 304 37.17 7.82 -25.80
N GLU A 305 37.96 6.89 -25.29
CA GLU A 305 38.45 7.01 -23.91
C GLU A 305 39.42 5.87 -23.62
N GLY A 306 39.95 5.82 -22.40
CA GLY A 306 40.87 4.77 -22.01
C GLY A 306 42.35 5.14 -22.04
N ILE B 2 -28.61 -6.36 11.88
CA ILE B 2 -27.76 -5.18 12.00
C ILE B 2 -27.03 -4.93 10.70
N TYR B 3 -27.37 -3.82 10.03
CA TYR B 3 -26.73 -3.48 8.77
C TYR B 3 -25.67 -2.43 9.01
N THR B 4 -24.54 -2.59 8.33
CA THR B 4 -23.43 -1.65 8.44
C THR B 4 -23.22 -1.12 7.04
N VAL B 5 -22.83 0.14 6.95
CA VAL B 5 -22.61 0.75 5.65
C VAL B 5 -21.23 1.36 5.61
N THR B 6 -20.50 1.06 4.55
CA THR B 6 -19.16 1.58 4.38
C THR B 6 -19.05 2.12 2.94
N LEU B 7 -19.22 3.43 2.79
CA LEU B 7 -19.13 4.01 1.45
C LEU B 7 -17.71 3.85 0.90
N ASN B 8 -16.72 4.22 1.70
CA ASN B 8 -15.31 4.16 1.27
C ASN B 8 -14.46 3.07 1.95
N PRO B 9 -14.81 1.80 1.71
CA PRO B 9 -14.03 0.71 2.32
C PRO B 9 -12.60 0.69 1.83
N SER B 10 -11.79 -0.18 2.40
CA SER B 10 -10.40 -0.27 1.97
C SER B 10 -9.63 -1.43 2.58
N ILE B 11 -8.39 -1.59 2.15
CA ILE B 11 -7.53 -2.62 2.70
C ILE B 11 -6.62 -1.77 3.55
N ASP B 12 -6.55 -2.05 4.84
CA ASP B 12 -5.69 -1.29 5.73
C ASP B 12 -4.34 -1.99 5.76
N TYR B 13 -3.30 -1.26 5.36
CA TYR B 13 -1.94 -1.76 5.30
C TYR B 13 -1.08 -1.18 6.42
N ILE B 14 -0.99 -1.91 7.52
CA ILE B 14 -0.20 -1.47 8.67
C ILE B 14 1.26 -1.88 8.57
N VAL B 15 2.15 -0.89 8.70
CA VAL B 15 3.57 -1.17 8.62
C VAL B 15 4.35 -0.49 9.73
N GLN B 16 4.94 -1.31 10.59
CA GLN B 16 5.73 -0.79 11.68
C GLN B 16 7.10 -0.42 11.12
N VAL B 17 7.56 0.76 11.48
CA VAL B 17 8.86 1.26 11.02
C VAL B 17 9.42 2.16 12.10
N GLU B 18 10.72 2.06 12.34
CA GLU B 18 11.35 2.92 13.34
C GLU B 18 12.28 3.88 12.66
N ASN B 19 12.36 5.10 13.17
CA ASN B 19 13.24 6.09 12.59
C ASN B 19 12.81 6.30 11.14
N PHE B 20 11.49 6.30 10.92
CA PHE B 20 10.92 6.49 9.58
C PHE B 20 11.20 7.88 9.03
N GLN B 21 12.39 8.04 8.43
CA GLN B 21 12.81 9.32 7.87
C GLN B 21 11.94 9.82 6.72
N GLN B 22 12.52 10.67 5.88
CA GLN B 22 11.82 11.23 4.72
C GLN B 22 12.80 11.37 3.56
N GLY B 23 12.28 11.58 2.35
CA GLY B 23 13.14 11.74 1.20
C GLY B 23 13.90 10.51 0.76
N VAL B 24 14.45 9.76 1.72
CA VAL B 24 15.20 8.54 1.38
C VAL B 24 14.31 7.30 1.37
N VAL B 25 14.92 6.14 1.60
CA VAL B 25 14.17 4.89 1.61
C VAL B 25 13.73 4.53 3.03
N ASN B 26 12.89 3.52 3.15
CA ASN B 26 12.39 3.06 4.44
C ASN B 26 11.97 1.61 4.34
N ARG B 27 12.71 0.72 5.01
CA ARG B 27 12.42 -0.71 4.98
C ARG B 27 11.55 -1.14 6.15
N SER B 28 10.35 -1.63 5.84
CA SER B 28 9.42 -2.10 6.87
C SER B 28 10.05 -3.22 7.68
N GLU B 29 9.70 -3.32 8.95
CA GLU B 29 10.25 -4.38 9.78
C GLU B 29 9.14 -5.39 9.99
N ARG B 30 7.91 -4.91 9.85
CA ARG B 30 6.75 -5.76 10.04
C ARG B 30 5.59 -5.14 9.28
N ASP B 31 4.81 -5.99 8.60
CA ASP B 31 3.66 -5.57 7.81
C ASP B 31 2.41 -6.30 8.21
N ARG B 32 1.28 -5.79 7.77
CA ARG B 32 0.01 -6.40 8.08
C ARG B 32 -1.05 -5.81 7.15
N LYS B 33 -1.96 -6.66 6.67
CA LYS B 33 -3.01 -6.23 5.77
C LYS B 33 -4.36 -6.84 6.17
N GLN B 34 -5.38 -5.99 6.29
CA GLN B 34 -6.72 -6.44 6.65
C GLN B 34 -7.79 -5.52 6.08
N PRO B 35 -9.05 -5.98 6.05
CA PRO B 35 -10.12 -5.12 5.52
C PRO B 35 -10.30 -3.90 6.42
N GLY B 36 -10.49 -2.73 5.80
CA GLY B 36 -10.65 -1.50 6.54
C GLY B 36 -11.99 -0.84 6.28
N GLY B 37 -12.25 0.25 6.98
CA GLY B 37 -13.52 0.95 6.84
C GLY B 37 -14.22 0.87 8.18
N LYS B 38 -14.74 1.99 8.66
CA LYS B 38 -15.40 1.98 9.96
C LYS B 38 -16.55 0.99 10.05
N GLY B 39 -17.46 1.03 9.07
CA GLY B 39 -18.57 0.10 9.09
C GLY B 39 -18.07 -1.34 9.08
N ILE B 40 -17.07 -1.61 8.25
CA ILE B 40 -16.49 -2.94 8.14
C ILE B 40 -15.99 -3.40 9.51
N ASN B 41 -15.22 -2.55 10.18
CA ASN B 41 -14.70 -2.90 11.49
C ASN B 41 -15.83 -3.23 12.45
N VAL B 42 -16.89 -2.43 12.46
CA VAL B 42 -18.01 -2.69 13.35
C VAL B 42 -18.57 -4.09 13.12
N SER B 43 -18.67 -4.50 11.87
CA SER B 43 -19.19 -5.83 11.57
C SER B 43 -18.23 -6.90 12.09
N ARG B 44 -16.93 -6.66 11.93
CA ARG B 44 -15.92 -7.60 12.40
C ARG B 44 -15.88 -7.70 13.91
N VAL B 45 -15.96 -6.57 14.61
CA VAL B 45 -15.95 -6.64 16.07
C VAL B 45 -17.28 -7.24 16.59
N LEU B 46 -18.38 -6.99 15.89
CA LEU B 46 -19.66 -7.56 16.31
C LEU B 46 -19.58 -9.08 16.22
N LYS B 47 -18.94 -9.56 15.15
CA LYS B 47 -18.77 -10.99 14.95
C LYS B 47 -18.07 -11.59 16.17
N ARG B 48 -16.99 -10.94 16.59
CA ARG B 48 -16.23 -11.40 17.73
C ARG B 48 -17.05 -11.34 19.02
N LEU B 49 -18.02 -10.44 19.10
CA LEU B 49 -18.85 -10.33 20.30
C LEU B 49 -20.04 -11.26 20.28
N GLY B 50 -20.12 -12.09 19.24
CA GLY B 50 -21.21 -13.04 19.12
C GLY B 50 -22.42 -12.60 18.32
N HIS B 51 -22.28 -11.60 17.45
CA HIS B 51 -23.44 -11.15 16.69
C HIS B 51 -23.18 -10.98 15.19
N GLU B 52 -24.14 -11.40 14.39
CA GLU B 52 -24.03 -11.29 12.93
C GLU B 52 -24.42 -9.88 12.49
N THR B 53 -24.19 -9.59 11.22
CA THR B 53 -24.54 -8.30 10.63
C THR B 53 -24.29 -8.43 9.15
N LYS B 54 -24.95 -7.59 8.37
CA LYS B 54 -24.77 -7.61 6.94
C LYS B 54 -24.09 -6.30 6.58
N ALA B 55 -22.87 -6.37 6.09
CA ALA B 55 -22.14 -5.16 5.71
C ALA B 55 -22.44 -4.75 4.28
N LEU B 56 -22.71 -3.47 4.10
CA LEU B 56 -23.02 -2.90 2.81
C LEU B 56 -21.95 -1.85 2.48
N GLY B 57 -21.87 -1.48 1.20
CA GLY B 57 -20.88 -0.50 0.77
C GLY B 57 -20.39 -0.68 -0.66
N PHE B 58 -19.26 -0.06 -0.99
CA PHE B 58 -18.71 -0.15 -2.34
C PHE B 58 -17.28 -0.68 -2.44
N LEU B 59 -17.13 -1.77 -3.18
CA LEU B 59 -15.84 -2.42 -3.41
C LEU B 59 -15.51 -2.52 -4.90
N GLY B 60 -14.22 -2.48 -5.22
CA GLY B 60 -13.79 -2.57 -6.60
C GLY B 60 -12.32 -2.95 -6.72
N GLY B 61 -11.93 -3.41 -7.90
CA GLY B 61 -10.53 -3.79 -8.12
C GLY B 61 -10.08 -4.99 -7.31
N PHE B 62 -8.93 -5.56 -7.70
CA PHE B 62 -8.42 -6.74 -6.99
C PHE B 62 -8.38 -6.44 -5.50
N THR B 63 -8.25 -5.17 -5.14
CA THR B 63 -8.23 -4.77 -3.73
C THR B 63 -9.61 -5.04 -3.12
N GLY B 64 -10.66 -4.75 -3.88
CA GLY B 64 -12.02 -4.99 -3.41
C GLY B 64 -12.25 -6.48 -3.23
N ALA B 65 -11.73 -7.28 -4.17
CA ALA B 65 -11.87 -8.73 -4.11
C ALA B 65 -11.30 -9.22 -2.78
N TYR B 66 -10.11 -8.72 -2.44
CA TYR B 66 -9.46 -9.10 -1.18
C TYR B 66 -10.41 -8.86 0.00
N VAL B 67 -10.88 -7.63 0.15
CA VAL B 67 -11.79 -7.27 1.22
C VAL B 67 -12.90 -8.29 1.34
N ARG B 68 -13.58 -8.54 0.22
CA ARG B 68 -14.69 -9.47 0.19
C ARG B 68 -14.32 -10.89 0.60
N ASN B 69 -13.19 -11.39 0.10
CA ASN B 69 -12.74 -12.75 0.44
C ASN B 69 -12.50 -12.92 1.93
N ALA B 70 -11.84 -11.91 2.51
CA ALA B 70 -11.49 -11.90 3.91
C ALA B 70 -12.71 -11.89 4.84
N LEU B 71 -13.71 -11.09 4.51
CA LEU B 71 -14.89 -11.04 5.35
C LEU B 71 -15.70 -12.32 5.19
N GLU B 72 -15.68 -12.90 3.99
CA GLU B 72 -16.41 -14.14 3.74
C GLU B 72 -15.80 -15.29 4.53
N LYS B 73 -14.50 -15.18 4.81
CA LYS B 73 -13.85 -16.22 5.58
C LYS B 73 -14.23 -16.07 7.04
N GLU B 74 -14.24 -14.83 7.52
CA GLU B 74 -14.62 -14.60 8.91
C GLU B 74 -16.12 -14.82 9.02
N GLU B 75 -16.70 -15.32 7.93
CA GLU B 75 -18.12 -15.61 7.86
C GLU B 75 -19.01 -14.42 8.23
N ILE B 76 -18.60 -13.22 7.82
CA ILE B 76 -19.38 -12.03 8.10
C ILE B 76 -20.37 -11.74 6.98
N GLY B 77 -21.64 -11.57 7.35
CA GLY B 77 -22.67 -11.30 6.37
C GLY B 77 -22.25 -10.16 5.45
N LEU B 78 -22.66 -10.22 4.19
CA LEU B 78 -22.28 -9.16 3.27
C LEU B 78 -23.09 -9.08 1.98
N SER B 79 -23.00 -7.92 1.35
CA SER B 79 -23.69 -7.64 0.09
C SER B 79 -23.25 -6.25 -0.38
N PHE B 80 -22.02 -6.16 -0.83
CA PHE B 80 -21.49 -4.89 -1.30
C PHE B 80 -21.91 -4.72 -2.75
N ILE B 81 -21.75 -3.51 -3.26
CA ILE B 81 -22.11 -3.28 -4.64
C ILE B 81 -20.84 -2.98 -5.40
N GLU B 82 -20.59 -3.80 -6.42
CA GLU B 82 -19.42 -3.66 -7.26
C GLU B 82 -19.44 -2.37 -8.06
N VAL B 83 -18.39 -1.56 -7.89
CA VAL B 83 -18.28 -0.33 -8.63
C VAL B 83 -17.01 -0.49 -9.47
N GLU B 84 -17.00 0.08 -10.67
CA GLU B 84 -15.86 -0.05 -11.56
C GLU B 84 -14.54 0.50 -11.01
N GLY B 85 -14.59 1.21 -9.88
CA GLY B 85 -13.37 1.75 -9.29
C GLY B 85 -12.56 0.71 -8.50
N ASP B 86 -11.36 1.10 -8.07
CA ASP B 86 -10.45 0.24 -7.30
C ASP B 86 -10.43 0.62 -5.82
N THR B 87 -10.97 -0.24 -4.96
CA THR B 87 -10.99 0.03 -3.52
C THR B 87 -9.62 0.57 -3.10
N ARG B 88 -9.62 1.58 -2.24
CA ARG B 88 -8.39 2.21 -1.81
C ARG B 88 -7.53 1.43 -0.84
N ILE B 89 -6.30 1.90 -0.69
CA ILE B 89 -5.33 1.33 0.21
C ILE B 89 -4.86 2.45 1.11
N ASN B 90 -5.06 2.31 2.41
CA ASN B 90 -4.63 3.31 3.34
C ASN B 90 -3.43 2.77 4.10
N VAL B 91 -2.27 3.38 3.89
CA VAL B 91 -1.05 2.96 4.54
C VAL B 91 -0.93 3.51 5.96
N LYS B 92 -1.20 2.68 6.95
CA LYS B 92 -1.12 3.14 8.32
C LYS B 92 0.25 2.86 8.95
N ILE B 93 1.14 3.83 8.85
CA ILE B 93 2.49 3.69 9.40
C ILE B 93 2.50 3.90 10.91
N LYS B 94 3.14 2.98 11.63
CA LYS B 94 3.22 3.04 13.08
C LYS B 94 4.65 3.12 13.57
N GLY B 95 4.81 3.62 14.78
CA GLY B 95 6.12 3.77 15.39
C GLY B 95 6.02 4.78 16.52
N LYS B 96 6.82 5.84 16.46
CA LYS B 96 6.79 6.88 17.49
C LYS B 96 5.87 8.00 16.99
N GLN B 97 5.55 7.95 15.70
CA GLN B 97 4.70 8.96 15.09
C GLN B 97 3.72 8.37 14.07
N GLU B 98 2.81 7.52 14.52
CA GLU B 98 1.85 6.92 13.59
C GLU B 98 1.27 7.93 12.61
N THR B 99 1.63 7.79 11.34
CA THR B 99 1.12 8.67 10.30
C THR B 99 0.12 7.86 9.49
N GLU B 100 -0.49 8.49 8.49
CA GLU B 100 -1.47 7.80 7.66
C GLU B 100 -1.33 8.30 6.24
N LEU B 101 -1.90 7.53 5.31
CA LEU B 101 -1.87 7.88 3.89
C LEU B 101 -3.07 7.21 3.25
N ASN B 102 -4.15 7.97 3.10
CA ASN B 102 -5.37 7.43 2.53
C ASN B 102 -5.40 7.51 1.02
N GLY B 103 -5.87 6.42 0.41
CA GLY B 103 -5.95 6.36 -1.03
C GLY B 103 -7.14 7.07 -1.64
N THR B 104 -6.99 7.43 -2.90
CA THR B 104 -8.03 8.11 -3.64
C THR B 104 -9.25 7.19 -3.73
N ALA B 105 -10.37 7.65 -3.21
CA ALA B 105 -11.58 6.85 -3.27
C ALA B 105 -11.82 6.45 -4.72
N PRO B 106 -12.45 5.28 -4.94
CA PRO B 106 -12.70 4.85 -6.31
C PRO B 106 -13.65 5.81 -7.01
N LEU B 107 -14.51 5.26 -7.87
CA LEU B 107 -15.48 6.03 -8.63
C LEU B 107 -16.81 5.30 -8.56
N ILE B 108 -17.86 6.00 -8.12
CA ILE B 108 -19.18 5.38 -7.98
C ILE B 108 -20.27 6.03 -8.83
N LYS B 109 -20.89 5.25 -9.70
CA LYS B 109 -21.96 5.77 -10.55
C LYS B 109 -23.26 5.95 -9.76
N LYS B 110 -24.07 6.91 -10.19
CA LYS B 110 -25.35 7.23 -9.56
C LYS B 110 -26.22 6.00 -9.27
N GLU B 111 -26.36 5.13 -10.26
CA GLU B 111 -27.19 3.93 -10.11
C GLU B 111 -26.69 3.04 -8.99
N HIS B 112 -25.43 3.20 -8.62
CA HIS B 112 -24.83 2.43 -7.53
C HIS B 112 -25.27 3.07 -6.21
N VAL B 113 -25.00 4.37 -6.10
CA VAL B 113 -25.37 5.15 -4.93
C VAL B 113 -26.90 5.19 -4.88
N GLN B 114 -27.53 4.38 -5.73
CA GLN B 114 -28.99 4.31 -5.82
C GLN B 114 -29.54 2.91 -5.56
N ALA B 115 -28.76 1.88 -5.88
CA ALA B 115 -29.19 0.50 -5.64
C ALA B 115 -28.96 0.27 -4.16
N LEU B 116 -28.07 1.07 -3.58
CA LEU B 116 -27.76 1.00 -2.16
C LEU B 116 -28.97 1.48 -1.40
N LEU B 117 -29.32 2.75 -1.62
CA LEU B 117 -30.48 3.35 -0.97
C LEU B 117 -31.61 2.37 -1.18
N GLU B 118 -31.58 1.70 -2.33
CA GLU B 118 -32.59 0.71 -2.66
C GLU B 118 -32.52 -0.51 -1.75
N GLN B 119 -31.35 -0.77 -1.17
CA GLN B 119 -31.20 -1.91 -0.27
C GLN B 119 -31.85 -1.61 1.07
N LEU B 120 -31.67 -0.37 1.52
CA LEU B 120 -32.23 0.07 2.79
C LEU B 120 -33.74 -0.14 2.87
N THR B 121 -34.41 -0.15 1.72
CA THR B 121 -35.85 -0.33 1.68
C THR B 121 -36.34 -1.66 2.27
N GLU B 122 -35.43 -2.60 2.45
CA GLU B 122 -35.78 -3.91 3.02
C GLU B 122 -35.84 -3.86 4.54
N LEU B 123 -35.07 -2.93 5.12
CA LEU B 123 -35.03 -2.75 6.56
C LEU B 123 -36.42 -2.92 7.18
N GLU B 124 -36.47 -3.46 8.39
CA GLU B 124 -37.75 -3.66 9.07
C GLU B 124 -37.65 -3.11 10.50
N LYS B 125 -38.80 -2.92 11.13
CA LYS B 125 -38.82 -2.42 12.49
C LYS B 125 -37.97 -3.31 13.38
N GLY B 126 -37.13 -2.68 14.19
CA GLY B 126 -36.28 -3.45 15.07
C GLY B 126 -34.90 -3.69 14.49
N ASP B 127 -34.73 -3.43 13.19
CA ASP B 127 -33.44 -3.61 12.54
C ASP B 127 -32.53 -2.46 12.94
N VAL B 128 -31.25 -2.57 12.61
CA VAL B 128 -30.31 -1.52 12.96
C VAL B 128 -29.47 -1.13 11.76
N LEU B 129 -29.29 0.16 11.59
CA LEU B 129 -28.51 0.68 10.49
C LEU B 129 -27.37 1.48 11.08
N VAL B 130 -26.14 1.10 10.73
CA VAL B 130 -24.97 1.79 11.24
C VAL B 130 -24.31 2.59 10.11
N LEU B 131 -24.11 3.88 10.35
CA LEU B 131 -23.51 4.76 9.34
C LEU B 131 -22.27 5.40 9.96
N ALA B 132 -21.10 5.04 9.47
CA ALA B 132 -19.85 5.57 10.00
C ALA B 132 -18.80 5.82 8.94
N GLY B 133 -17.85 6.69 9.27
CA GLY B 133 -16.79 6.99 8.33
C GLY B 133 -17.13 8.18 7.45
N SER B 134 -16.09 8.86 6.96
CA SER B 134 -16.26 10.02 6.10
C SER B 134 -16.93 9.65 4.79
N VAL B 135 -17.43 10.66 4.09
CA VAL B 135 -18.10 10.46 2.82
C VAL B 135 -17.20 10.85 1.65
N PRO B 136 -17.19 10.04 0.59
CA PRO B 136 -16.36 10.33 -0.57
C PRO B 136 -16.83 11.66 -1.18
N GLN B 137 -15.90 12.59 -1.39
CA GLN B 137 -16.23 13.90 -1.96
C GLN B 137 -17.02 13.76 -3.25
N ALA B 138 -16.98 12.56 -3.84
CA ALA B 138 -17.70 12.29 -5.08
C ALA B 138 -19.20 12.20 -4.76
N PRO B 140 -22.55 13.74 -2.09
CA PRO B 140 -22.99 14.86 -1.27
C PRO B 140 -22.80 14.56 0.21
N GLN B 141 -22.27 15.53 0.95
CA GLN B 141 -22.04 15.37 2.37
C GLN B 141 -23.35 15.29 3.18
N THR B 142 -24.48 15.05 2.49
CA THR B 142 -25.80 14.96 3.10
C THR B 142 -26.36 13.55 3.01
N ILE B 143 -25.59 12.69 2.36
CA ILE B 143 -25.96 11.29 2.13
C ILE B 143 -26.41 10.53 3.38
N TYR B 144 -25.84 10.83 4.54
CA TYR B 144 -26.26 10.13 5.77
C TYR B 144 -27.62 10.65 6.22
N ARG B 145 -27.89 11.92 5.96
CA ARG B 145 -29.16 12.54 6.32
C ARG B 145 -30.23 11.79 5.56
N SER B 146 -29.96 11.59 4.29
CA SER B 146 -30.87 10.90 3.39
C SER B 146 -31.16 9.47 3.78
N THR B 148 -30.69 8.07 6.90
CA THR B 148 -31.30 8.01 8.21
C THR B 148 -32.82 8.01 8.02
N GLN B 149 -33.30 8.93 7.19
CA GLN B 149 -34.72 9.07 6.89
C GLN B 149 -35.33 7.72 6.49
N ILE B 150 -34.89 7.22 5.35
CA ILE B 150 -35.38 5.95 4.84
C ILE B 150 -35.40 4.95 5.96
N ALA B 151 -34.30 4.89 6.69
CA ALA B 151 -34.14 3.96 7.79
C ALA B 151 -35.13 4.24 8.92
N LYS B 152 -35.14 5.48 9.41
CA LYS B 152 -36.03 5.83 10.50
C LYS B 152 -37.49 5.60 10.18
N GLU B 153 -37.91 5.97 8.97
CA GLU B 153 -39.30 5.77 8.58
C GLU B 153 -39.65 4.28 8.53
N ARG B 154 -38.77 3.44 9.08
CA ARG B 154 -38.99 2.00 9.05
C ARG B 154 -38.81 1.33 10.40
N GLY B 155 -38.92 2.11 11.47
CA GLY B 155 -38.76 1.58 12.81
C GLY B 155 -37.36 1.06 13.06
N ALA B 156 -36.44 1.42 12.18
CA ALA B 156 -35.05 0.99 12.32
C ALA B 156 -34.26 1.94 13.22
N PHE B 157 -33.25 1.40 13.88
CA PHE B 157 -32.37 2.15 14.79
C PHE B 157 -31.16 2.65 14.00
N VAL B 158 -30.97 3.95 13.91
CA VAL B 158 -29.82 4.43 13.15
C VAL B 158 -28.74 4.97 14.05
N ALA B 159 -27.54 4.44 13.91
CA ALA B 159 -26.39 4.89 14.71
C ALA B 159 -25.40 5.50 13.76
N VAL B 160 -24.89 6.66 14.09
CA VAL B 160 -23.96 7.31 13.19
C VAL B 160 -22.63 7.66 13.83
N ASP B 161 -21.56 7.43 13.08
CA ASP B 161 -20.22 7.72 13.55
C ASP B 161 -19.45 8.37 12.41
N THR B 162 -19.51 9.70 12.36
CA THR B 162 -18.81 10.46 11.32
C THR B 162 -18.24 11.71 11.94
N SER B 163 -18.08 12.74 11.12
CA SER B 163 -17.56 14.03 11.53
C SER B 163 -17.62 15.00 10.34
N GLY B 164 -17.58 16.30 10.62
CA GLY B 164 -17.64 17.28 9.53
C GLY B 164 -19.05 17.56 9.03
N GLU B 165 -19.12 18.23 7.88
CA GLU B 165 -20.41 18.57 7.28
C GLU B 165 -21.33 17.35 7.35
N ALA B 166 -20.74 16.18 7.07
CA ALA B 166 -21.48 14.92 7.09
C ALA B 166 -22.21 14.76 8.40
N LEU B 167 -21.49 14.91 9.50
CA LEU B 167 -22.09 14.78 10.82
C LEU B 167 -23.12 15.89 11.02
N HIS B 168 -22.75 17.10 10.63
CA HIS B 168 -23.61 18.28 10.77
C HIS B 168 -24.96 18.13 10.08
N GLU B 169 -24.95 17.60 8.86
CA GLU B 169 -26.17 17.43 8.08
C GLU B 169 -27.09 16.31 8.53
N VAL B 170 -26.54 15.32 9.23
CA VAL B 170 -27.34 14.19 9.68
C VAL B 170 -28.27 14.57 10.84
N LEU B 171 -27.85 15.55 11.64
CA LEU B 171 -28.62 15.97 12.81
C LEU B 171 -30.07 16.26 12.55
N ALA B 172 -30.37 17.02 11.50
CA ALA B 172 -31.75 17.36 11.17
C ALA B 172 -32.53 16.08 10.87
N ALA B 173 -31.83 14.99 10.55
CA ALA B 173 -32.48 13.71 10.26
C ALA B 173 -32.88 13.00 11.55
N LYS B 174 -32.33 13.46 12.67
CA LYS B 174 -32.62 12.88 13.99
C LYS B 174 -32.21 11.41 14.17
N PRO B 175 -30.90 11.11 14.05
CA PRO B 175 -30.45 9.73 14.22
C PRO B 175 -30.64 9.28 15.67
N SER B 176 -30.71 7.97 15.88
CA SER B 176 -30.93 7.39 17.21
C SER B 176 -29.70 7.42 18.12
N PHE B 177 -28.51 7.39 17.52
CA PHE B 177 -27.29 7.39 18.30
C PHE B 177 -26.12 8.04 17.57
N ILE B 178 -25.41 8.89 18.30
CA ILE B 178 -24.23 9.54 17.76
C ILE B 178 -23.19 9.48 18.87
N LYS B 179 -21.92 9.48 18.51
CA LYS B 179 -20.86 9.38 19.51
C LYS B 179 -19.76 10.42 19.30
N PRO B 180 -20.12 11.70 19.18
CA PRO B 180 -19.05 12.67 18.97
C PRO B 180 -18.11 12.72 20.16
N ASN B 181 -16.80 12.61 19.91
CA ASN B 181 -15.82 12.71 21.00
C ASN B 181 -15.91 14.17 21.41
N HIS B 182 -15.40 14.54 22.58
CA HIS B 182 -15.51 15.92 23.03
C HIS B 182 -15.01 16.94 22.00
N HIS B 183 -14.17 16.51 21.06
CA HIS B 183 -13.69 17.44 20.04
C HIS B 183 -14.74 17.58 18.94
N GLU B 184 -15.08 16.47 18.29
CA GLU B 184 -16.08 16.51 17.23
C GLU B 184 -17.28 17.33 17.70
N LEU B 185 -17.57 17.27 18.99
CA LEU B 185 -18.70 18.00 19.53
C LEU B 185 -18.48 19.50 19.46
N SER B 186 -17.23 19.91 19.57
CA SER B 186 -16.89 21.34 19.48
C SER B 186 -16.98 21.71 18.01
N GLU B 187 -16.55 20.78 17.16
CA GLU B 187 -16.57 20.94 15.71
C GLU B 187 -18.01 20.85 15.18
N LEU B 188 -18.94 20.55 16.09
CA LEU B 188 -20.36 20.42 15.76
C LEU B 188 -21.14 21.59 16.34
N VAL B 189 -20.99 21.80 17.65
CA VAL B 189 -21.67 22.88 18.34
C VAL B 189 -20.85 24.13 18.09
N SER B 190 -20.06 24.10 17.00
CA SER B 190 -19.17 25.19 16.60
C SER B 190 -18.83 26.06 17.80
N LYS B 191 -18.22 25.42 18.79
CA LYS B 191 -17.84 26.06 20.04
C LYS B 191 -16.89 25.12 20.77
N PRO B 192 -15.82 25.67 21.38
CA PRO B 192 -14.88 24.82 22.11
C PRO B 192 -15.55 24.16 23.32
N ILE B 193 -15.00 23.03 23.74
CA ILE B 193 -15.53 22.27 24.88
C ILE B 193 -14.35 21.79 25.71
N ALA B 194 -14.59 21.48 26.99
CA ALA B 194 -13.54 21.02 27.88
C ALA B 194 -14.10 20.34 29.13
N SER B 195 -14.86 21.08 29.92
CA SER B 195 -15.43 20.52 31.14
C SER B 195 -16.41 19.39 30.83
N ILE B 196 -16.69 18.57 31.85
CA ILE B 196 -17.65 17.49 31.68
C ILE B 196 -19.02 18.18 31.71
N GLU B 197 -19.01 19.44 32.15
CA GLU B 197 -20.21 20.26 32.20
C GLU B 197 -20.24 21.16 30.97
N ASP B 198 -19.08 21.35 30.34
CA ASP B 198 -18.97 22.18 29.15
C ASP B 198 -19.64 21.51 27.94
N ALA B 199 -20.30 20.37 28.18
CA ALA B 199 -20.95 19.66 27.08
C ALA B 199 -22.38 19.25 27.39
N ILE B 200 -22.73 19.21 28.67
CA ILE B 200 -24.08 18.82 29.02
C ILE B 200 -25.16 19.75 28.43
N PRO B 201 -24.97 21.08 28.53
CA PRO B 201 -26.01 21.96 27.97
C PRO B 201 -26.26 21.63 26.50
N HIS B 202 -25.19 21.37 25.78
CA HIS B 202 -25.27 21.07 24.36
C HIS B 202 -25.76 19.65 24.04
N VAL B 203 -25.44 18.68 24.90
CA VAL B 203 -25.90 17.32 24.64
C VAL B 203 -27.39 17.29 24.98
N GLN B 204 -27.77 18.22 25.86
CA GLN B 204 -29.15 18.35 26.31
C GLN B 204 -30.04 18.86 25.17
N ARG B 205 -29.57 19.91 24.50
CA ARG B 205 -30.33 20.49 23.40
C ARG B 205 -30.51 19.44 22.29
N LEU B 206 -29.46 18.70 21.99
CA LEU B 206 -29.51 17.67 20.94
C LEU B 206 -30.55 16.60 21.25
N ILE B 207 -30.59 16.16 22.51
CA ILE B 207 -31.55 15.18 22.90
C ILE B 207 -32.95 15.78 22.72
N GLY B 208 -33.08 17.06 23.04
CA GLY B 208 -34.37 17.72 22.88
C GLY B 208 -34.85 17.85 21.44
N GLU B 209 -33.95 17.74 20.49
CA GLU B 209 -34.34 17.84 19.09
C GLU B 209 -34.84 16.51 18.53
N GLY B 210 -34.78 15.45 19.31
CA GLY B 210 -35.26 14.17 18.80
C GLY B 210 -34.25 13.05 18.79
N ILE B 211 -32.99 13.37 19.06
CA ILE B 211 -31.95 12.34 19.08
C ILE B 211 -32.07 11.53 20.37
N GLU B 212 -32.23 10.22 20.21
CA GLU B 212 -32.40 9.29 21.31
C GLU B 212 -31.25 9.13 22.30
N SER B 213 -30.03 9.01 21.80
CA SER B 213 -28.89 8.85 22.70
C SER B 213 -27.58 9.40 22.16
N ILE B 214 -26.79 9.96 23.07
CA ILE B 214 -25.53 10.54 22.70
C ILE B 214 -24.43 10.06 23.63
N LEU B 215 -23.33 9.60 23.04
CA LEU B 215 -22.18 9.12 23.81
C LEU B 215 -20.96 9.96 23.41
N VAL B 216 -20.53 10.84 24.31
CA VAL B 216 -19.40 11.71 24.04
C VAL B 216 -18.16 11.44 24.90
N SER B 217 -17.13 10.87 24.26
CA SER B 217 -15.90 10.53 24.96
C SER B 217 -14.91 11.69 25.11
N PHE B 218 -14.47 11.93 26.34
CA PHE B 218 -13.49 12.98 26.63
C PHE B 218 -12.11 12.36 26.51
N ALA B 219 -11.78 11.87 25.32
CA ALA B 219 -10.49 11.23 25.06
C ALA B 219 -9.98 10.46 26.29
N GLY B 220 -9.12 11.13 27.06
CA GLY B 220 -8.58 10.52 28.26
C GLY B 220 -9.14 11.26 29.48
N ASP B 221 -10.21 10.72 30.03
CA ASP B 221 -10.86 11.34 31.18
C ASP B 221 -12.21 10.67 31.43
N GLY B 222 -12.66 9.86 30.48
CA GLY B 222 -13.93 9.17 30.62
C GLY B 222 -14.86 9.40 29.45
N ALA B 223 -16.17 9.39 29.73
CA ALA B 223 -17.19 9.58 28.70
C ALA B 223 -18.55 9.90 29.32
N LEU B 224 -19.31 10.74 28.60
CA LEU B 224 -20.63 11.15 29.04
C LEU B 224 -21.71 10.56 28.13
N PHE B 225 -22.77 10.04 28.74
CA PHE B 225 -23.87 9.47 27.96
C PHE B 225 -25.13 10.23 28.29
N ALA B 226 -25.94 10.50 27.27
CA ALA B 226 -27.18 11.22 27.49
C ALA B 226 -28.30 10.65 26.65
N SER B 227 -29.46 10.53 27.28
CA SER B 227 -30.67 10.01 26.65
C SER B 227 -31.81 10.77 27.30
N ALA B 228 -33.04 10.48 26.91
CA ALA B 228 -34.18 11.17 27.48
C ALA B 228 -34.35 10.84 28.97
N GLU B 229 -33.75 9.74 29.40
CA GLU B 229 -33.84 9.32 30.80
C GLU B 229 -32.75 9.95 31.68
N GLY B 230 -32.06 10.95 31.15
CA GLY B 230 -31.04 11.59 31.94
C GLY B 230 -29.65 11.20 31.47
N PHE B 232 -25.19 10.38 32.60
CA PHE B 232 -24.25 9.94 33.61
C PHE B 232 -22.86 9.81 33.02
N HIS B 233 -21.86 9.76 33.88
CA HIS B 233 -20.48 9.62 33.43
C HIS B 233 -19.96 8.22 33.73
N VAL B 234 -18.88 7.85 33.07
CA VAL B 234 -18.23 6.56 33.26
C VAL B 234 -16.75 6.76 32.92
N ASN B 235 -15.86 6.21 33.74
CA ASN B 235 -14.45 6.37 33.44
C ASN B 235 -13.91 5.22 32.63
N VAL B 236 -12.86 5.50 31.85
CA VAL B 236 -12.21 4.52 31.00
C VAL B 236 -11.32 3.62 31.86
N PRO B 237 -11.34 2.29 31.61
CA PRO B 237 -10.56 1.30 32.35
C PRO B 237 -9.19 1.79 32.80
N SER B 238 -8.49 2.49 31.89
CA SER B 238 -7.15 3.00 32.16
C SER B 238 -6.11 1.88 32.00
N GLY B 239 -5.23 2.04 31.01
CA GLY B 239 -4.21 1.05 30.75
C GLY B 239 -3.37 1.40 29.53
N GLU B 240 -2.44 0.52 29.19
CA GLU B 240 -1.57 0.74 28.05
C GLU B 240 -2.30 0.50 26.73
N VAL B 241 -2.53 1.56 25.97
CA VAL B 241 -3.20 1.42 24.69
C VAL B 241 -2.13 1.14 23.64
N ARG B 242 -2.17 -0.05 23.07
CA ARG B 242 -1.21 -0.47 22.06
C ARG B 242 -1.73 -0.11 20.67
N ASN B 243 -3.02 -0.40 20.44
CA ASN B 243 -3.64 -0.12 19.15
C ASN B 243 -4.79 0.88 19.27
N SER B 244 -5.05 1.63 18.21
CA SER B 244 -6.15 2.60 18.18
C SER B 244 -6.99 2.32 16.93
N VAL B 245 -6.40 1.58 16.00
CA VAL B 245 -7.07 1.23 14.75
C VAL B 245 -8.39 0.50 15.04
N GLY B 246 -9.48 1.27 15.15
CA GLY B 246 -10.78 0.70 15.39
C GLY B 246 -11.33 0.65 16.81
N ALA B 247 -10.95 1.61 17.65
CA ALA B 247 -11.45 1.63 19.01
C ALA B 247 -12.85 2.24 19.04
N GLY B 248 -13.05 3.31 18.28
CA GLY B 248 -14.35 3.95 18.23
C GLY B 248 -15.35 3.01 17.61
N ASP B 249 -14.89 2.25 16.63
CA ASP B 249 -15.75 1.31 15.97
C ASP B 249 -16.16 0.20 16.96
N SER B 250 -15.35 -0.02 17.98
CA SER B 250 -15.66 -1.04 18.98
C SER B 250 -16.72 -0.57 19.98
N VAL B 251 -16.63 0.67 20.42
CA VAL B 251 -17.63 1.16 21.35
C VAL B 251 -19.00 1.04 20.66
N VAL B 252 -19.04 1.34 19.36
CA VAL B 252 -20.28 1.27 18.60
C VAL B 252 -20.80 -0.17 18.53
N ALA B 253 -19.90 -1.10 18.24
CA ALA B 253 -20.30 -2.50 18.11
C ALA B 253 -20.73 -3.01 19.48
N GLY B 254 -20.04 -2.56 20.52
CA GLY B 254 -20.39 -2.99 21.85
C GLY B 254 -21.76 -2.52 22.26
N PHE B 255 -22.05 -1.27 21.95
CA PHE B 255 -23.34 -0.68 22.28
C PHE B 255 -24.47 -1.40 21.56
N LEU B 256 -24.21 -1.81 20.34
CA LEU B 256 -25.23 -2.48 19.56
C LEU B 256 -25.40 -3.93 19.98
N ALA B 257 -24.29 -4.58 20.33
CA ALA B 257 -24.36 -5.97 20.76
C ALA B 257 -25.19 -6.04 22.05
N ALA B 258 -24.94 -5.08 22.94
CA ALA B 258 -25.63 -5.02 24.21
C ALA B 258 -27.13 -4.74 24.10
N LEU B 259 -27.55 -4.04 23.06
CA LEU B 259 -28.98 -3.77 22.88
C LEU B 259 -29.65 -4.95 22.21
N GLN B 260 -28.88 -5.70 21.43
CA GLN B 260 -29.39 -6.87 20.75
C GLN B 260 -29.77 -7.91 21.79
N GLU B 261 -28.98 -7.98 22.85
CA GLU B 261 -29.21 -8.94 23.92
C GLU B 261 -30.21 -8.44 24.96
N GLY B 262 -31.03 -7.47 24.59
CA GLY B 262 -32.04 -6.98 25.50
C GLY B 262 -31.73 -5.85 26.47
N LYS B 263 -30.46 -5.61 26.77
CA LYS B 263 -30.13 -4.54 27.72
C LYS B 263 -30.64 -3.16 27.28
N SER B 264 -30.78 -2.23 28.23
CA SER B 264 -31.29 -0.90 27.92
C SER B 264 -30.23 0.08 27.43
N LEU B 265 -30.68 1.15 26.80
CA LEU B 265 -29.78 2.17 26.28
C LEU B 265 -28.71 2.54 27.29
N GLU B 266 -29.12 3.00 28.46
CA GLU B 266 -28.15 3.41 29.46
C GLU B 266 -27.36 2.23 30.04
N ASP B 267 -27.99 1.07 30.14
CA ASP B 267 -27.27 -0.06 30.70
C ASP B 267 -26.28 -0.67 29.73
N ALA B 268 -26.40 -0.29 28.46
CA ALA B 268 -25.51 -0.82 27.44
C ALA B 268 -24.20 -0.04 27.35
N VAL B 269 -24.19 1.16 27.91
CA VAL B 269 -23.01 2.00 27.87
C VAL B 269 -21.75 1.31 28.42
N PRO B 270 -21.81 0.82 29.68
CA PRO B 270 -20.63 0.16 30.26
C PRO B 270 -20.03 -0.84 29.28
N PHE B 271 -20.90 -1.67 28.69
CA PHE B 271 -20.45 -2.67 27.75
C PHE B 271 -19.73 -2.05 26.55
N ALA B 272 -20.26 -0.96 26.02
CA ALA B 272 -19.67 -0.30 24.85
C ALA B 272 -18.33 0.35 25.19
N VAL B 273 -18.27 1.04 26.32
CA VAL B 273 -17.03 1.68 26.71
C VAL B 273 -15.98 0.60 26.96
N ALA B 274 -16.43 -0.57 27.39
CA ALA B 274 -15.54 -1.68 27.66
C ALA B 274 -14.96 -2.23 26.37
N ALA B 275 -15.79 -2.35 25.33
CA ALA B 275 -15.31 -2.88 24.07
C ALA B 275 -14.29 -1.93 23.46
N GLY B 276 -14.48 -0.64 23.72
CA GLY B 276 -13.60 0.38 23.19
C GLY B 276 -12.18 0.31 23.72
N SER B 277 -12.04 0.33 25.04
CA SER B 277 -10.72 0.27 25.65
C SER B 277 -10.11 -1.14 25.68
N ALA B 278 -10.93 -2.17 25.44
CA ALA B 278 -10.43 -3.54 25.41
C ALA B 278 -9.74 -3.75 24.07
N THR B 279 -10.18 -3.00 23.07
CA THR B 279 -9.60 -3.06 21.74
C THR B 279 -8.35 -2.21 21.76
N ALA B 280 -8.39 -1.13 22.53
CA ALA B 280 -7.27 -0.21 22.65
C ALA B 280 -6.12 -0.80 23.46
N PHE B 281 -6.45 -1.50 24.54
CA PHE B 281 -5.42 -2.11 25.36
C PHE B 281 -4.89 -3.37 24.67
N SER B 282 -5.05 -3.44 23.35
CA SER B 282 -4.58 -4.62 22.64
C SER B 282 -3.91 -4.34 21.31
N ASP B 283 -3.38 -5.40 20.72
CA ASP B 283 -2.68 -5.35 19.44
C ASP B 283 -3.60 -5.89 18.33
N GLY B 284 -4.89 -5.97 18.65
CA GLY B 284 -5.88 -6.44 17.71
C GLY B 284 -7.28 -6.08 18.20
N PHE B 285 -8.30 -6.73 17.66
CA PHE B 285 -9.68 -6.45 18.08
C PHE B 285 -10.07 -7.20 19.35
N CYS B 286 -10.66 -6.47 20.29
CA CYS B 286 -11.08 -6.99 21.60
C CYS B 286 -11.90 -8.27 21.55
N THR B 287 -11.74 -9.09 22.58
CA THR B 287 -12.48 -10.35 22.70
C THR B 287 -13.63 -10.19 23.71
N ARG B 288 -14.69 -10.96 23.51
CA ARG B 288 -15.88 -10.91 24.39
C ARG B 288 -15.51 -10.97 25.87
N GLU B 289 -14.74 -12.00 26.20
CA GLU B 289 -14.28 -12.26 27.56
C GLU B 289 -13.60 -11.03 28.14
N GLU B 290 -12.86 -10.31 27.30
CA GLU B 290 -12.15 -9.10 27.74
C GLU B 290 -13.13 -8.03 28.14
N VAL B 291 -14.11 -7.79 27.29
CA VAL B 291 -15.11 -6.75 27.52
C VAL B 291 -15.84 -6.97 28.82
N GLU B 292 -16.46 -8.13 28.94
CA GLU B 292 -17.23 -8.48 30.13
C GLU B 292 -16.48 -8.18 31.41
N ARG B 293 -15.18 -8.47 31.43
CA ARG B 293 -14.37 -8.23 32.62
C ARG B 293 -14.26 -6.75 32.98
N LEU B 294 -13.73 -5.95 32.05
CA LEU B 294 -13.58 -4.51 32.27
C LEU B 294 -14.94 -3.85 32.43
N GLN B 295 -15.95 -4.48 31.84
CA GLN B 295 -17.33 -4.00 31.90
C GLN B 295 -17.68 -3.82 33.36
N GLN B 296 -17.42 -4.86 34.15
CA GLN B 296 -17.68 -4.86 35.58
C GLN B 296 -16.89 -3.75 36.25
N GLN B 297 -15.63 -3.59 35.85
CA GLN B 297 -14.80 -2.54 36.41
C GLN B 297 -15.52 -1.20 36.28
N LEU B 298 -15.91 -0.86 35.06
CA LEU B 298 -16.60 0.39 34.79
C LEU B 298 -17.98 0.40 35.41
N GLN B 299 -18.58 -0.77 35.53
CA GLN B 299 -19.91 -0.91 36.12
C GLN B 299 -20.05 -0.06 37.38
N ARG B 300 -19.09 -0.18 38.30
CA ARG B 300 -19.12 0.59 39.54
C ARG B 300 -18.97 2.09 39.27
N THR B 301 -18.03 2.45 38.39
CA THR B 301 -17.82 3.86 38.09
C THR B 301 -19.03 4.39 37.31
N ILE B 302 -19.99 4.90 38.07
CA ILE B 302 -21.21 5.45 37.50
C ILE B 302 -21.65 6.65 38.33
N LYS B 303 -21.80 7.79 37.67
CA LYS B 303 -22.23 9.01 38.36
C LYS B 303 -23.24 9.75 37.51
N LYS B 304 -24.43 9.97 38.07
CA LYS B 304 -25.49 10.68 37.38
C LYS B 304 -24.98 12.11 37.18
N GLU B 305 -25.65 12.89 36.32
CA GLU B 305 -25.18 14.25 36.09
C GLU B 305 -26.16 15.33 36.55
N GLY B 306 -25.62 16.51 36.86
CA GLY B 306 -26.45 17.61 37.36
C GLY B 306 -26.95 18.62 36.33
#